data_2EVW
#
_entry.id   2EVW
#
_cell.length_a   69.300
_cell.length_b   69.300
_cell.length_c   35.510
_cell.angle_alpha   90.00
_cell.angle_beta   90.00
_cell.angle_gamma   90.00
#
_symmetry.space_group_name_H-M   'P 41'
#
loop_
_entity.id
_entity.type
_entity.pdbx_description
1 polymer 'GTPase HRas'
2 non-polymer 'MAGNESIUM ION'
3 non-polymer "GUANOSINE 5'-TRIPHOSPHATE P3-[1-(2-NITROPHENYL)ETHYL ESTER]"
4 non-polymer "N,N'-DIMETHYL-N-(ACETYL)-N'-(7-NITROBENZ-2-OXA-1,3-DIAZOL-4-YL)ETHYLENEDIAMINE"
5 water water
#
_entity_poly.entity_id   1
_entity_poly.type   'polypeptide(L)'
_entity_poly.pdbx_seq_one_letter_code
;MTEYKLVVVGAGGVGKSALTIQLIQNHFVDECDPTIEDSYRKQVVIDGETCLLDILDTAGQEEYSAMRDQYMRTGEGFLC
VFAINNTKSFEDIHQYREQIKRVKDSDDVPMVLVGNKSDLAARTVESRQAQDLARSYGIPYIETSAKTRQGVEDAFYTLV
REIRQH
;
_entity_poly.pdbx_strand_id   X
#
# COMPACT_ATOMS: atom_id res chain seq x y z
N MET A 1 -20.39 -9.25 -4.12
CA MET A 1 -20.15 -10.53 -3.39
C MET A 1 -19.10 -10.36 -2.30
N THR A 2 -18.06 -11.19 -2.38
CA THR A 2 -16.90 -11.13 -1.48
C THR A 2 -16.08 -9.83 -1.63
N GLU A 3 -16.16 -8.96 -0.62
CA GLU A 3 -15.42 -7.70 -0.63
C GLU A 3 -14.08 -7.80 0.14
N TYR A 4 -13.11 -7.01 -0.32
CA TYR A 4 -11.82 -6.85 0.37
C TYR A 4 -11.54 -5.36 0.55
N LYS A 5 -11.59 -4.94 1.84
CA LYS A 5 -11.27 -3.60 2.30
C LYS A 5 -9.75 -3.37 2.41
N LEU A 6 -9.25 -2.58 1.47
CA LEU A 6 -7.81 -2.30 1.40
C LEU A 6 -7.59 -0.82 1.76
N VAL A 7 -6.40 -0.53 2.30
CA VAL A 7 -5.99 0.85 2.63
C VAL A 7 -4.53 1.05 2.13
N VAL A 8 -4.23 2.19 1.51
CA VAL A 8 -2.91 2.49 0.94
C VAL A 8 -2.31 3.63 1.76
N VAL A 9 -1.21 3.30 2.45
CA VAL A 9 -0.60 4.13 3.45
C VAL A 9 0.87 4.31 3.16
N GLY A 10 1.42 5.39 3.68
CA GLY A 10 2.81 5.69 3.51
C GLY A 10 2.97 7.18 3.29
N ALA A 11 4.22 7.61 3.28
CA ALA A 11 4.58 9.03 3.21
C ALA A 11 4.03 9.76 2.03
N GLY A 12 3.94 11.08 2.21
CA GLY A 12 3.54 11.93 1.10
C GLY A 12 4.42 11.76 -0.13
N GLY A 13 3.79 11.51 -1.28
CA GLY A 13 4.46 11.49 -2.59
C GLY A 13 5.15 10.20 -3.00
N VAL A 14 4.86 9.08 -2.32
CA VAL A 14 5.53 7.84 -2.63
C VAL A 14 4.83 7.09 -3.77
N GLY A 15 3.67 7.61 -4.19
CA GLY A 15 2.93 7.04 -5.32
C GLY A 15 1.68 6.25 -4.93
N LYS A 16 1.07 6.57 -3.77
CA LYS A 16 -0.13 5.86 -3.28
C LYS A 16 -1.31 5.97 -4.25
N SER A 17 -1.57 7.19 -4.68
CA SER A 17 -2.67 7.45 -5.59
C SER A 17 -2.35 6.94 -6.95
N ALA A 18 -1.14 7.31 -7.42
CA ALA A 18 -0.68 6.87 -8.71
C ALA A 18 -0.86 5.35 -8.82
N LEU A 19 -0.47 4.62 -7.76
CA LEU A 19 -0.63 3.14 -7.77
C LEU A 19 -2.07 2.65 -7.89
N THR A 20 -2.92 3.26 -7.09
CA THR A 20 -4.32 2.84 -7.02
C THR A 20 -5.03 3.11 -8.34
N ILE A 21 -4.77 4.27 -8.91
CA ILE A 21 -5.40 4.67 -10.18
C ILE A 21 -4.94 3.74 -11.29
N GLN A 22 -3.67 3.37 -11.25
CA GLN A 22 -3.14 2.49 -12.25
C GLN A 22 -3.85 1.15 -12.13
N LEU A 23 -3.97 0.63 -10.93
CA LEU A 23 -4.69 -0.63 -10.77
C LEU A 23 -6.11 -0.51 -11.28
N ILE A 24 -6.85 0.50 -10.82
CA ILE A 24 -8.30 0.59 -11.01
C ILE A 24 -8.69 1.11 -12.41
N GLN A 25 -7.96 2.11 -12.92
CA GLN A 25 -8.30 2.81 -14.18
C GLN A 25 -7.31 2.53 -15.31
N ASN A 26 -6.20 1.91 -15.00
CA ASN A 26 -5.28 1.43 -16.04
C ASN A 26 -4.54 2.55 -16.79
N HIS A 27 -4.27 3.67 -16.11
CA HIS A 27 -3.38 4.69 -16.67
C HIS A 27 -2.53 5.33 -15.56
N PHE A 28 -1.46 6.02 -15.98
CA PHE A 28 -0.48 6.64 -15.08
C PHE A 28 -0.77 8.12 -15.00
N VAL A 29 -0.96 8.61 -13.79
CA VAL A 29 -1.18 10.04 -13.59
C VAL A 29 0.11 10.75 -13.23
N ASP A 30 0.43 11.73 -14.06
CA ASP A 30 1.64 12.52 -13.98
C ASP A 30 1.27 13.95 -13.57
N GLU A 31 0.92 14.11 -12.29
CA GLU A 31 0.36 15.37 -11.79
C GLU A 31 0.55 15.51 -10.27
N CYS A 32 0.33 16.72 -9.76
CA CYS A 32 0.40 16.99 -8.32
C CYS A 32 -0.99 17.22 -7.76
N ASP A 33 -1.57 16.16 -7.19
CA ASP A 33 -2.92 16.24 -6.64
C ASP A 33 -2.95 15.66 -5.23
N PRO A 34 -2.65 16.48 -4.23
CA PRO A 34 -2.64 16.03 -2.85
C PRO A 34 -3.97 15.47 -2.42
N THR A 35 -3.90 14.33 -1.76
CA THR A 35 -5.08 13.61 -1.36
C THR A 35 -5.54 14.05 0.03
N ILE A 36 -6.84 14.14 0.21
CA ILE A 36 -7.42 14.22 1.54
C ILE A 36 -7.81 12.80 1.90
N GLU A 37 -8.80 12.28 1.17
CA GLU A 37 -9.19 10.87 1.25
C GLU A 37 -9.94 10.60 -0.03
N ASP A 38 -9.75 9.42 -0.61
CA ASP A 38 -10.51 9.05 -1.79
C ASP A 38 -10.65 7.54 -1.81
N SER A 39 -11.80 7.05 -2.20
CA SER A 39 -11.96 5.62 -2.30
C SER A 39 -12.35 5.21 -3.71
N TYR A 40 -11.97 3.98 -4.02
CA TYR A 40 -12.07 3.41 -5.36
C TYR A 40 -12.62 2.02 -5.19
N ARG A 41 -13.55 1.62 -6.04
CA ARG A 41 -14.14 0.28 -5.95
C ARG A 41 -14.23 -0.36 -7.31
N LYS A 42 -13.70 -1.56 -7.47
CA LYS A 42 -13.77 -2.23 -8.77
C LYS A 42 -13.93 -3.69 -8.54
N GLN A 43 -14.75 -4.28 -9.38
CA GLN A 43 -14.90 -5.70 -9.43
C GLN A 43 -13.76 -6.29 -10.29
N VAL A 44 -13.07 -7.29 -9.73
CA VAL A 44 -11.97 -7.94 -10.46
C VAL A 44 -11.96 -9.45 -10.20
N VAL A 45 -11.11 -10.17 -10.93
CA VAL A 45 -10.94 -11.61 -10.74
C VAL A 45 -9.53 -11.88 -10.21
N ILE A 46 -9.51 -12.64 -9.10
CA ILE A 46 -8.31 -13.03 -8.36
C ILE A 46 -8.34 -14.54 -8.05
N ASP A 47 -7.47 -15.28 -8.72
CA ASP A 47 -7.37 -16.74 -8.59
C ASP A 47 -8.73 -17.43 -8.75
N GLY A 48 -9.58 -16.91 -9.63
CA GLY A 48 -10.84 -17.58 -9.95
C GLY A 48 -11.97 -17.17 -9.04
N GLU A 49 -11.66 -16.31 -8.06
CA GLU A 49 -12.68 -15.76 -7.19
C GLU A 49 -13.08 -14.39 -7.72
N THR A 50 -14.34 -14.27 -8.08
CA THR A 50 -14.90 -12.98 -8.39
C THR A 50 -15.12 -12.28 -7.07
N CYS A 51 -14.66 -11.03 -6.97
CA CYS A 51 -14.76 -10.30 -5.71
C CYS A 51 -14.76 -8.79 -6.01
N LEU A 52 -14.96 -7.97 -4.97
CA LEU A 52 -14.87 -6.50 -5.09
C LEU A 52 -13.67 -6.03 -4.28
N LEU A 53 -12.91 -5.10 -4.84
CA LEU A 53 -11.90 -4.38 -4.05
C LEU A 53 -12.54 -3.08 -3.60
N ASP A 54 -12.44 -2.76 -2.30
CA ASP A 54 -12.86 -1.47 -1.75
C ASP A 54 -11.62 -0.77 -1.18
N ILE A 55 -11.09 0.23 -1.88
CA ILE A 55 -9.74 0.75 -1.62
C ILE A 55 -9.77 2.19 -1.17
N LEU A 56 -9.02 2.44 -0.10
CA LEU A 56 -8.93 3.74 0.53
C LEU A 56 -7.52 4.32 0.36
N ASP A 57 -7.47 5.46 -0.33
CA ASP A 57 -6.24 6.19 -0.65
C ASP A 57 -6.03 7.25 0.38
N THR A 58 -5.06 7.13 1.28
CA THR A 58 -4.85 8.10 2.40
C THR A 58 -3.91 9.26 2.10
N ALA A 59 -3.69 10.13 3.09
CA ALA A 59 -2.69 11.21 3.10
C ALA A 59 -1.44 10.66 3.80
N GLY A 60 -0.27 11.19 3.47
CA GLY A 60 0.90 10.90 4.28
C GLY A 60 0.59 11.43 5.68
N GLN A 61 1.18 10.84 6.71
CA GLN A 61 0.90 11.29 8.07
C GLN A 61 0.77 12.80 8.12
N GLU A 62 1.89 13.48 8.16
CA GLU A 62 1.87 14.86 8.56
C GLU A 62 1.44 14.73 10.01
N GLU A 63 0.82 13.59 10.30
CA GLU A 63 0.74 13.10 11.66
C GLU A 63 -0.49 12.24 11.94
N TYR A 64 -0.39 11.37 12.94
CA TYR A 64 -1.52 10.60 13.42
C TYR A 64 -2.59 11.58 13.95
N SER A 65 -3.85 11.26 13.67
CA SER A 65 -4.95 11.96 14.28
C SER A 65 -6.11 11.01 14.40
N ALA A 66 -7.02 11.38 15.27
CA ALA A 66 -8.32 10.67 15.46
C ALA A 66 -9.09 10.62 14.13
N MET A 67 -9.11 11.73 13.38
CA MET A 67 -9.78 11.75 12.08
C MET A 67 -9.21 10.71 11.14
N ARG A 68 -7.88 10.64 11.04
CA ARG A 68 -7.20 9.65 10.23
C ARG A 68 -7.53 8.29 10.75
N ASP A 69 -7.62 8.19 12.09
CA ASP A 69 -7.93 6.89 12.68
C ASP A 69 -9.30 6.44 12.19
N GLN A 70 -10.23 7.41 12.17
CA GLN A 70 -11.65 7.16 11.83
C GLN A 70 -11.74 6.61 10.40
N TYR A 71 -10.90 7.09 9.47
CA TYR A 71 -10.93 6.55 8.10
C TYR A 71 -10.27 5.17 8.02
N MET A 72 -9.15 4.98 8.69
CA MET A 72 -8.40 3.75 8.47
C MET A 72 -8.84 2.53 9.24
N ARG A 73 -9.59 2.75 10.31
CA ARG A 73 -9.91 1.70 11.27
C ARG A 73 -10.81 0.60 10.75
N THR A 74 -11.49 0.87 9.64
CA THR A 74 -12.33 -0.12 8.97
C THR A 74 -11.59 -0.95 7.91
N GLY A 75 -10.33 -0.63 7.62
CA GLY A 75 -9.57 -1.40 6.65
C GLY A 75 -9.32 -2.80 7.15
N GLU A 76 -9.28 -3.72 6.20
CA GLU A 76 -8.94 -5.13 6.43
C GLU A 76 -7.46 -5.44 6.18
N GLY A 77 -6.90 -4.89 5.10
CA GLY A 77 -5.50 -5.09 4.68
C GLY A 77 -4.88 -3.77 4.27
N PHE A 78 -3.56 -3.65 4.42
CA PHE A 78 -2.84 -2.38 4.25
C PHE A 78 -1.68 -2.58 3.30
N LEU A 79 -1.63 -1.70 2.30
CA LEU A 79 -0.56 -1.69 1.35
C LEU A 79 0.37 -0.58 1.81
N CYS A 80 1.54 -0.95 2.31
CA CYS A 80 2.43 -0.02 3.00
C CYS A 80 3.48 0.39 1.99
N VAL A 81 3.34 1.59 1.43
CA VAL A 81 4.11 2.03 0.28
C VAL A 81 5.26 2.94 0.67
N PHE A 82 6.46 2.71 0.12
CA PHE A 82 7.51 3.73 0.12
C PHE A 82 8.02 3.87 -1.31
N ALA A 83 8.91 4.82 -1.52
CA ALA A 83 9.58 4.96 -2.82
C ALA A 83 11.08 4.71 -2.69
N ILE A 84 11.64 3.98 -3.65
CA ILE A 84 13.00 3.44 -3.57
C ILE A 84 14.09 4.52 -3.76
N ASN A 85 13.68 5.74 -4.12
CA ASN A 85 14.59 6.86 -4.21
C ASN A 85 14.45 7.85 -3.07
N ASN A 86 13.86 7.43 -1.97
CA ASN A 86 13.57 8.37 -0.88
C ASN A 86 13.68 7.64 0.44
N THR A 87 14.83 7.81 1.04
CA THR A 87 15.16 7.05 2.23
C THR A 87 14.20 7.39 3.39
N LYS A 88 13.76 8.64 3.53
CA LYS A 88 12.84 9.00 4.61
C LYS A 88 11.52 8.20 4.53
N SER A 89 10.97 8.04 3.32
CA SER A 89 9.73 7.28 3.16
C SER A 89 9.88 5.82 3.61
N PHE A 90 11.09 5.27 3.38
CA PHE A 90 11.53 3.93 3.87
C PHE A 90 11.65 3.90 5.41
N GLU A 91 12.36 4.86 6.00
CA GLU A 91 12.46 4.91 7.47
C GLU A 91 11.08 4.99 8.11
N ASP A 92 10.09 5.58 7.41
CA ASP A 92 8.71 5.85 7.91
C ASP A 92 7.78 4.61 7.96
N ILE A 93 8.10 3.57 7.20
CA ILE A 93 7.30 2.36 7.19
C ILE A 93 7.16 1.83 8.63
N HIS A 94 8.21 1.92 9.45
CA HIS A 94 8.10 1.44 10.84
C HIS A 94 6.92 2.12 11.54
N GLN A 95 6.77 3.43 11.35
CA GLN A 95 5.74 4.20 12.01
C GLN A 95 4.36 3.75 11.59
N TYR A 96 4.14 3.58 10.31
CA TYR A 96 2.84 3.16 9.81
C TYR A 96 2.54 1.77 10.32
N ARG A 97 3.49 0.86 10.08
CA ARG A 97 3.29 -0.48 10.56
C ARG A 97 2.74 -0.31 11.94
N GLU A 98 3.49 0.40 12.77
CA GLU A 98 3.13 0.54 14.20
C GLU A 98 1.75 1.18 14.38
N GLN A 99 1.52 2.24 13.62
CA GLN A 99 0.26 2.97 13.68
C GLN A 99 -0.89 2.06 13.29
N ILE A 100 -0.69 1.28 12.25
CA ILE A 100 -1.73 0.36 11.77
C ILE A 100 -2.06 -0.67 12.84
N LYS A 101 -1.04 -1.21 13.49
CA LYS A 101 -1.28 -2.19 14.53
C LYS A 101 -2.05 -1.58 15.69
N ARG A 102 -1.73 -0.34 16.05
CA ARG A 102 -2.45 0.38 17.10
C ARG A 102 -3.86 0.74 16.67
N VAL A 103 -4.04 1.21 15.44
CA VAL A 103 -5.40 1.57 14.96
C VAL A 103 -6.33 0.32 14.98
N LYS A 104 -5.80 -0.81 14.56
CA LYS A 104 -6.61 -2.02 14.43
C LYS A 104 -6.58 -2.81 15.72
N ASP A 105 -5.77 -2.35 16.66
CA ASP A 105 -5.59 -2.99 17.96
C ASP A 105 -5.42 -4.51 17.79
N SER A 106 -4.39 -4.85 17.00
CA SER A 106 -4.08 -6.23 16.63
C SER A 106 -2.59 -6.45 16.41
N ASP A 107 -2.13 -7.64 16.82
CA ASP A 107 -0.74 -8.06 16.65
C ASP A 107 -0.51 -8.76 15.31
N ASP A 108 -1.57 -8.91 14.53
CA ASP A 108 -1.48 -9.55 13.21
C ASP A 108 -2.54 -8.92 12.30
N VAL A 109 -2.04 -8.02 11.47
CA VAL A 109 -2.83 -7.31 10.50
C VAL A 109 -2.31 -7.63 9.08
N PRO A 110 -3.20 -8.05 8.14
CA PRO A 110 -2.79 -8.31 6.74
C PRO A 110 -2.11 -7.09 6.12
N MET A 111 -0.94 -7.31 5.57
CA MET A 111 -0.07 -6.21 5.18
C MET A 111 0.92 -6.67 4.13
N VAL A 112 1.35 -5.72 3.33
CA VAL A 112 2.37 -6.00 2.35
C VAL A 112 3.19 -4.74 2.23
N LEU A 113 4.47 -4.95 1.96
CA LEU A 113 5.34 -3.83 1.83
C LEU A 113 5.53 -3.63 0.30
N VAL A 114 5.41 -2.39 -0.15
CA VAL A 114 5.54 -2.00 -1.54
C VAL A 114 6.65 -0.97 -1.67
N GLY A 115 7.59 -1.25 -2.56
CA GLY A 115 8.61 -0.31 -2.97
C GLY A 115 8.32 0.19 -4.39
N ASN A 116 7.83 1.44 -4.47
CA ASN A 116 7.37 2.02 -5.72
C ASN A 116 8.43 2.90 -6.40
N LYS A 117 8.12 3.23 -7.65
CA LYS A 117 8.95 4.05 -8.56
C LYS A 117 10.12 3.23 -9.15
N SER A 118 9.90 1.94 -9.43
CA SER A 118 10.99 1.11 -9.93
C SER A 118 11.48 1.41 -11.35
N ASP A 119 10.76 2.24 -12.08
CA ASP A 119 11.24 2.78 -13.35
C ASP A 119 12.40 3.75 -13.10
N LEU A 120 12.46 4.39 -11.94
CA LEU A 120 13.53 5.39 -11.69
C LEU A 120 14.81 4.73 -11.29
N ALA A 121 15.88 5.25 -11.86
CA ALA A 121 17.20 4.79 -11.55
C ALA A 121 17.82 5.46 -10.32
N ALA A 122 19.07 5.04 -10.09
CA ALA A 122 19.90 5.55 -9.00
C ALA A 122 19.14 5.51 -7.64
N ARG A 123 18.67 4.34 -7.27
CA ARG A 123 17.91 4.18 -6.05
C ARG A 123 18.78 4.47 -4.82
N THR A 124 18.07 4.88 -3.78
CA THR A 124 18.67 5.17 -2.50
C THR A 124 18.30 4.11 -1.44
N VAL A 125 17.40 3.15 -1.77
CA VAL A 125 17.04 1.97 -0.92
C VAL A 125 17.21 0.66 -1.73
N GLU A 126 18.16 -0.18 -1.32
CA GLU A 126 18.45 -1.44 -2.03
C GLU A 126 17.34 -2.46 -1.71
N SER A 127 17.10 -3.35 -2.65
CA SER A 127 16.07 -4.37 -2.50
C SER A 127 16.32 -5.29 -1.32
N ARG A 128 17.59 -5.64 -1.14
CA ARG A 128 18.06 -6.38 0.06
C ARG A 128 17.63 -5.84 1.42
N GLN A 129 17.83 -4.56 1.69
CA GLN A 129 17.46 -4.08 3.01
C GLN A 129 15.93 -4.05 3.13
N ALA A 130 15.25 -3.63 2.08
CA ALA A 130 13.80 -3.59 2.11
C ALA A 130 13.22 -5.01 2.21
N GLN A 131 13.80 -5.94 1.47
CA GLN A 131 13.26 -7.33 1.43
C GLN A 131 13.51 -7.92 2.79
N ASP A 132 14.62 -7.54 3.38
CA ASP A 132 14.99 -7.98 4.72
C ASP A 132 14.02 -7.34 5.74
N LEU A 133 13.58 -6.07 5.53
CA LEU A 133 12.59 -5.45 6.37
C LEU A 133 11.24 -6.22 6.39
N ALA A 134 10.71 -6.54 5.20
CA ALA A 134 9.48 -7.32 5.09
C ALA A 134 9.57 -8.68 5.83
N ARG A 135 10.70 -9.33 5.64
CA ARG A 135 10.98 -10.61 6.34
C ARG A 135 11.04 -10.46 7.86
N SER A 136 11.68 -9.39 8.36
CA SER A 136 11.75 -9.13 9.82
C SER A 136 10.37 -8.89 10.43
N TYR A 137 9.42 -8.39 9.61
CA TYR A 137 8.00 -8.21 10.00
C TYR A 137 7.17 -9.46 9.65
N GLY A 138 7.73 -10.39 8.88
CA GLY A 138 6.99 -11.60 8.41
C GLY A 138 5.89 -11.35 7.40
N ILE A 139 6.13 -10.41 6.49
CA ILE A 139 5.14 -10.07 5.51
C ILE A 139 5.82 -10.07 4.17
N PRO A 140 5.04 -10.16 3.09
CA PRO A 140 5.63 -10.12 1.76
C PRO A 140 6.10 -8.74 1.33
N TYR A 141 6.86 -8.78 0.23
CA TYR A 141 7.48 -7.60 -0.33
C TYR A 141 7.29 -7.65 -1.84
N ILE A 142 6.84 -6.53 -2.40
CA ILE A 142 6.66 -6.39 -3.84
C ILE A 142 7.19 -5.05 -4.31
N GLU A 143 8.04 -5.09 -5.31
CA GLU A 143 8.46 -3.86 -5.95
C GLU A 143 7.57 -3.52 -7.10
N THR A 144 7.29 -2.22 -7.29
CA THR A 144 6.36 -1.74 -8.32
C THR A 144 6.82 -0.48 -9.06
N SER A 145 6.08 -0.18 -10.14
CA SER A 145 6.06 1.14 -10.79
C SER A 145 4.64 1.49 -11.20
N ALA A 146 4.10 2.57 -10.65
CA ALA A 146 2.85 3.10 -11.17
C ALA A 146 2.99 3.54 -12.63
N LYS A 147 4.20 3.87 -13.11
CA LYS A 147 4.35 4.39 -14.46
C LYS A 147 4.29 3.26 -15.49
N THR A 148 5.00 2.16 -15.24
CA THR A 148 5.09 1.07 -16.24
C THR A 148 4.07 -0.07 -16.02
N ARG A 149 3.42 -0.06 -14.86
CA ARG A 149 2.51 -1.12 -14.35
C ARG A 149 3.27 -2.37 -13.83
N GLN A 150 4.59 -2.40 -13.92
CA GLN A 150 5.39 -3.50 -13.32
C GLN A 150 5.00 -3.75 -11.88
N GLY A 151 4.62 -4.97 -11.51
CA GLY A 151 4.41 -5.32 -10.10
C GLY A 151 3.08 -4.88 -9.49
N VAL A 152 2.27 -4.09 -10.19
CA VAL A 152 1.11 -3.39 -9.52
C VAL A 152 -0.08 -4.31 -9.13
N GLU A 153 -0.38 -5.25 -10.05
CA GLU A 153 -1.29 -6.36 -9.79
C GLU A 153 -0.72 -7.28 -8.73
N ASP A 154 0.55 -7.67 -8.89
CA ASP A 154 1.17 -8.50 -7.88
C ASP A 154 0.93 -7.85 -6.53
N ALA A 155 1.37 -6.61 -6.34
CA ALA A 155 1.26 -5.99 -5.00
C ALA A 155 -0.16 -6.08 -4.38
N PHE A 156 -1.16 -5.60 -5.11
CA PHE A 156 -2.52 -5.53 -4.59
C PHE A 156 -3.18 -6.93 -4.41
N TYR A 157 -3.13 -7.76 -5.46
CA TYR A 157 -3.71 -9.09 -5.38
C TYR A 157 -3.03 -9.91 -4.31
N THR A 158 -1.77 -9.65 -4.06
CA THR A 158 -1.03 -10.30 -2.98
C THR A 158 -1.64 -9.88 -1.61
N LEU A 159 -1.95 -8.61 -1.42
CA LEU A 159 -2.47 -8.20 -0.14
C LEU A 159 -3.78 -8.97 0.10
N VAL A 160 -4.57 -9.14 -0.97
CA VAL A 160 -5.79 -9.93 -0.87
C VAL A 160 -5.50 -11.36 -0.36
N ARG A 161 -4.43 -11.98 -0.86
CA ARG A 161 -4.06 -13.30 -0.33
C ARG A 161 -3.71 -13.26 1.15
N GLU A 162 -3.05 -12.19 1.59
CA GLU A 162 -2.77 -12.05 3.03
C GLU A 162 -4.09 -11.90 3.79
N ILE A 163 -5.06 -11.19 3.23
CA ILE A 163 -6.38 -11.04 3.86
C ILE A 163 -7.14 -12.41 3.90
N ARG A 164 -7.14 -13.14 2.79
CA ARG A 164 -7.75 -14.48 2.76
C ARG A 164 -7.16 -15.41 3.84
N GLN A 165 -5.87 -15.27 4.11
CA GLN A 165 -5.10 -16.20 4.98
C GLN A 165 -5.13 -15.76 6.47
N HIS A 166 -5.67 -14.60 6.78
CA HIS A 166 -5.73 -14.19 8.19
C HIS A 166 -7.12 -14.46 8.76
N MET A 1 -20.59 -12.67 -2.97
CA MET A 1 -19.33 -12.04 -3.44
C MET A 1 -18.56 -11.40 -2.29
N THR A 2 -17.33 -11.83 -2.11
CA THR A 2 -16.49 -11.24 -1.10
C THR A 2 -16.07 -9.83 -1.53
N GLU A 3 -15.92 -9.01 -0.52
CA GLU A 3 -15.35 -7.68 -0.66
C GLU A 3 -14.12 -7.60 0.25
N TYR A 4 -13.00 -7.20 -0.35
CA TYR A 4 -11.74 -6.99 0.39
C TYR A 4 -11.58 -5.49 0.60
N LYS A 5 -11.30 -5.08 1.84
CA LYS A 5 -11.19 -3.64 2.11
C LYS A 5 -9.74 -3.27 2.36
N LEU A 6 -9.09 -2.72 1.33
CA LEU A 6 -7.66 -2.42 1.33
C LEU A 6 -7.42 -0.95 1.63
N VAL A 7 -6.41 -0.67 2.46
CA VAL A 7 -6.05 0.69 2.77
C VAL A 7 -4.59 0.90 2.35
N VAL A 8 -4.37 1.88 1.50
CA VAL A 8 -3.05 2.20 1.01
C VAL A 8 -2.49 3.38 1.87
N VAL A 9 -1.33 3.16 2.53
CA VAL A 9 -0.63 4.22 3.31
C VAL A 9 0.80 4.45 2.86
N GLY A 10 1.42 5.55 3.35
CA GLY A 10 2.83 5.88 3.10
C GLY A 10 3.13 7.38 3.08
N ALA A 11 4.42 7.74 3.14
CA ALA A 11 4.83 9.14 3.24
C ALA A 11 4.43 9.94 2.01
N GLY A 12 4.51 11.25 2.15
CA GLY A 12 4.21 12.16 1.02
C GLY A 12 4.92 11.76 -0.29
N GLY A 13 4.16 11.69 -1.37
CA GLY A 13 4.74 11.58 -2.70
C GLY A 13 5.19 10.19 -3.13
N VAL A 14 5.08 9.16 -2.25
CA VAL A 14 5.57 7.81 -2.57
C VAL A 14 4.89 7.15 -3.78
N GLY A 15 3.62 7.49 -4.02
CA GLY A 15 2.81 6.89 -5.07
C GLY A 15 1.53 6.23 -4.61
N LYS A 16 1.00 6.57 -3.45
CA LYS A 16 -0.27 5.97 -3.00
C LYS A 16 -1.37 6.17 -4.05
N SER A 17 -1.55 7.42 -4.46
CA SER A 17 -2.59 7.76 -5.43
C SER A 17 -2.30 7.14 -6.80
N ALA A 18 -1.06 7.15 -7.30
CA ALA A 18 -0.81 6.59 -8.63
C ALA A 18 -0.98 5.07 -8.70
N LEU A 19 -0.57 4.38 -7.63
CA LEU A 19 -0.78 2.94 -7.58
C LEU A 19 -2.27 2.64 -7.65
N THR A 20 -3.01 3.36 -6.83
CA THR A 20 -4.47 3.16 -6.76
C THR A 20 -5.18 3.47 -8.09
N ILE A 21 -4.87 4.63 -8.67
CA ILE A 21 -5.45 5.04 -9.96
C ILE A 21 -5.01 4.10 -11.11
N GLN A 22 -3.76 3.65 -11.15
CA GLN A 22 -3.39 2.63 -12.14
C GLN A 22 -4.30 1.43 -12.02
N LEU A 23 -4.42 0.88 -10.82
CA LEU A 23 -5.17 -0.35 -10.62
C LEU A 23 -6.65 -0.18 -11.01
N ILE A 24 -7.26 0.93 -10.61
CA ILE A 24 -8.70 1.15 -10.80
C ILE A 24 -9.05 1.67 -12.19
N GLN A 25 -8.25 2.62 -12.69
CA GLN A 25 -8.57 3.34 -13.91
C GLN A 25 -7.58 3.15 -15.07
N ASN A 26 -6.52 2.36 -14.87
CA ASN A 26 -5.59 2.01 -15.96
C ASN A 26 -4.99 3.21 -16.66
N HIS A 27 -4.61 4.20 -15.86
CA HIS A 27 -3.84 5.31 -16.36
C HIS A 27 -2.93 5.85 -15.27
N PHE A 28 -1.91 6.58 -15.69
CA PHE A 28 -0.92 7.07 -14.74
C PHE A 28 -1.03 8.55 -14.45
N VAL A 29 -1.16 8.92 -13.19
CA VAL A 29 -1.34 10.33 -12.90
C VAL A 29 0.00 10.89 -12.48
N ASP A 30 0.44 11.92 -13.19
CA ASP A 30 1.63 12.70 -12.78
C ASP A 30 1.20 14.16 -12.52
N GLU A 31 0.85 14.42 -11.26
CA GLU A 31 0.43 15.72 -10.82
C GLU A 31 0.78 15.84 -9.35
N CYS A 32 0.49 17.00 -8.81
CA CYS A 32 0.62 17.22 -7.37
C CYS A 32 -0.74 17.52 -6.86
N ASP A 33 -1.47 16.49 -6.44
CA ASP A 33 -2.80 16.68 -5.84
C ASP A 33 -2.77 15.99 -4.50
N PRO A 34 -2.44 16.74 -3.44
CA PRO A 34 -2.35 16.19 -2.10
C PRO A 34 -3.66 15.50 -1.69
N THR A 35 -3.56 14.21 -1.35
CA THR A 35 -4.76 13.42 -1.02
C THR A 35 -5.20 13.65 0.44
N ILE A 36 -6.53 13.71 0.65
CA ILE A 36 -7.09 13.69 2.00
C ILE A 36 -7.58 12.28 2.25
N GLU A 37 -8.69 11.91 1.63
CA GLU A 37 -9.14 10.51 1.69
C GLU A 37 -10.06 10.23 0.50
N ASP A 38 -9.66 9.27 -0.35
CA ASP A 38 -10.41 8.91 -1.56
C ASP A 38 -10.75 7.45 -1.50
N SER A 39 -11.93 7.07 -1.93
CA SER A 39 -12.38 5.67 -1.88
C SER A 39 -12.76 5.18 -3.29
N TYR A 40 -12.33 3.98 -3.67
CA TYR A 40 -12.61 3.44 -5.01
C TYR A 40 -13.09 1.99 -4.87
N ARG A 41 -13.98 1.55 -5.77
CA ARG A 41 -14.46 0.18 -5.80
C ARG A 41 -14.23 -0.39 -7.22
N LYS A 42 -13.97 -1.71 -7.25
CA LYS A 42 -13.76 -2.43 -8.50
C LYS A 42 -14.03 -3.95 -8.38
N GLN A 43 -14.85 -4.49 -9.28
CA GLN A 43 -15.08 -5.96 -9.41
C GLN A 43 -14.01 -6.62 -10.30
N VAL A 44 -13.37 -7.62 -9.72
CA VAL A 44 -12.17 -8.25 -10.31
C VAL A 44 -12.29 -9.78 -10.12
N VAL A 45 -11.44 -10.52 -10.82
CA VAL A 45 -11.25 -11.94 -10.56
C VAL A 45 -9.75 -12.13 -10.19
N ILE A 46 -9.49 -12.55 -8.94
CA ILE A 46 -8.14 -12.74 -8.40
C ILE A 46 -7.99 -14.20 -8.07
N ASP A 47 -7.04 -14.89 -8.71
CA ASP A 47 -6.85 -16.34 -8.54
C ASP A 47 -8.19 -17.09 -8.76
N GLY A 48 -8.92 -16.67 -9.80
CA GLY A 48 -10.20 -17.28 -10.19
C GLY A 48 -11.45 -16.79 -9.49
N GLU A 49 -11.27 -16.02 -8.42
CA GLU A 49 -12.39 -15.53 -7.60
C GLU A 49 -12.84 -14.14 -8.10
N THR A 50 -14.13 -14.02 -8.46
CA THR A 50 -14.70 -12.69 -8.76
C THR A 50 -15.05 -12.01 -7.46
N CYS A 51 -14.48 -10.82 -7.25
CA CYS A 51 -14.60 -10.12 -5.97
C CYS A 51 -14.62 -8.58 -6.12
N LEU A 52 -14.93 -7.88 -5.04
CA LEU A 52 -15.04 -6.44 -5.03
C LEU A 52 -13.97 -5.83 -4.13
N LEU A 53 -13.05 -5.11 -4.74
CA LEU A 53 -12.02 -4.39 -3.97
C LEU A 53 -12.44 -2.95 -3.74
N ASP A 54 -12.38 -2.55 -2.47
CA ASP A 54 -12.63 -1.19 -2.02
C ASP A 54 -11.23 -0.77 -1.55
N ILE A 55 -10.71 0.27 -2.17
CA ILE A 55 -9.37 0.76 -1.85
C ILE A 55 -9.49 2.20 -1.31
N LEU A 56 -9.17 2.40 -0.02
CA LEU A 56 -9.04 3.75 0.50
C LEU A 56 -7.62 4.20 0.23
N ASP A 57 -7.53 5.33 -0.47
CA ASP A 57 -6.28 5.99 -0.74
C ASP A 57 -6.23 7.12 0.29
N THR A 58 -5.12 7.25 0.98
CA THR A 58 -5.05 8.06 2.18
C THR A 58 -4.03 9.20 2.06
N ALA A 59 -4.24 10.28 2.83
CA ALA A 59 -3.30 11.42 2.82
C ALA A 59 -1.86 11.07 3.21
N GLY A 60 -0.88 11.73 2.57
CA GLY A 60 0.50 11.64 3.00
C GLY A 60 0.50 12.03 4.47
N GLN A 61 0.89 11.08 5.31
CA GLN A 61 0.56 11.13 6.73
C GLN A 61 1.08 12.39 7.40
N GLU A 62 1.76 12.22 8.52
CA GLU A 62 2.27 13.38 9.24
C GLU A 62 2.05 13.28 10.75
N GLU A 63 1.72 12.09 11.24
CA GLU A 63 1.34 11.94 12.64
C GLU A 63 -0.04 11.32 12.79
N TYR A 64 -0.38 10.96 14.03
CA TYR A 64 -1.63 10.27 14.36
C TYR A 64 -2.82 11.21 14.50
N SER A 65 -3.94 10.86 13.85
CA SER A 65 -5.18 11.62 14.00
C SER A 65 -6.40 10.72 14.12
N ALA A 66 -7.53 11.33 14.41
CA ALA A 66 -8.76 10.58 14.52
C ALA A 66 -9.22 9.97 13.21
N MET A 67 -9.01 10.67 12.10
CA MET A 67 -9.43 10.16 10.79
C MET A 67 -8.65 8.87 10.51
N ARG A 68 -7.36 8.88 10.86
CA ARG A 68 -6.51 7.71 10.71
C ARG A 68 -6.88 6.51 11.62
N ASP A 69 -7.07 6.76 12.91
CA ASP A 69 -7.57 5.73 13.74
C ASP A 69 -8.78 5.05 13.13
N GLN A 70 -9.73 5.81 12.61
CA GLN A 70 -10.89 5.16 12.06
C GLN A 70 -10.68 4.23 10.88
N TYR A 71 -9.93 4.70 9.92
CA TYR A 71 -9.74 3.83 8.76
C TYR A 71 -8.89 2.61 9.07
N MET A 72 -8.01 2.68 10.07
CA MET A 72 -7.25 1.54 10.53
C MET A 72 -8.10 0.51 11.19
N ARG A 73 -9.15 0.94 11.90
CA ARG A 73 -10.05 -0.07 12.49
C ARG A 73 -10.83 -0.89 11.48
N THR A 74 -11.34 -0.26 10.45
CA THR A 74 -12.19 -0.97 9.56
C THR A 74 -11.42 -1.62 8.41
N GLY A 75 -10.19 -1.18 8.13
CA GLY A 75 -9.40 -1.78 7.03
C GLY A 75 -9.02 -3.21 7.34
N GLU A 76 -9.11 -4.06 6.34
CA GLU A 76 -8.75 -5.47 6.49
C GLU A 76 -7.31 -5.80 6.10
N GLY A 77 -6.69 -4.97 5.28
CA GLY A 77 -5.29 -5.16 4.97
C GLY A 77 -4.70 -3.86 4.53
N PHE A 78 -3.37 -3.74 4.71
CA PHE A 78 -2.67 -2.48 4.54
C PHE A 78 -1.51 -2.62 3.59
N LEU A 79 -1.48 -1.77 2.55
CA LEU A 79 -0.29 -1.61 1.65
C LEU A 79 0.54 -0.49 2.24
N CYS A 80 1.73 -0.83 2.72
CA CYS A 80 2.68 0.15 3.29
C CYS A 80 3.73 0.48 2.23
N VAL A 81 3.59 1.69 1.68
CA VAL A 81 4.37 2.09 0.50
C VAL A 81 5.51 3.06 0.84
N PHE A 82 6.69 2.81 0.26
CA PHE A 82 7.79 3.78 0.26
C PHE A 82 8.27 3.93 -1.19
N ALA A 83 9.00 5.00 -1.50
CA ALA A 83 9.60 5.20 -2.82
C ALA A 83 11.05 4.69 -2.78
N ILE A 84 11.47 3.96 -3.80
CA ILE A 84 12.83 3.39 -3.78
C ILE A 84 13.90 4.50 -3.93
N ASN A 85 13.50 5.71 -4.27
CA ASN A 85 14.37 6.88 -4.38
C ASN A 85 14.11 7.87 -3.23
N ASN A 86 13.55 7.41 -2.10
CA ASN A 86 13.25 8.27 -0.91
C ASN A 86 13.56 7.46 0.40
N THR A 87 14.81 7.50 0.86
CA THR A 87 15.17 6.72 2.07
C THR A 87 14.39 7.12 3.31
N LYS A 88 14.09 8.39 3.50
CA LYS A 88 13.28 8.77 4.66
C LYS A 88 11.91 8.10 4.59
N SER A 89 11.35 8.00 3.37
CA SER A 89 10.06 7.34 3.23
C SER A 89 10.14 5.88 3.66
N PHE A 90 11.25 5.21 3.38
CA PHE A 90 11.37 3.79 3.74
C PHE A 90 11.44 3.65 5.26
N GLU A 91 12.24 4.50 5.91
CA GLU A 91 12.31 4.53 7.40
C GLU A 91 10.98 4.87 8.07
N ASP A 92 10.24 5.81 7.49
CA ASP A 92 8.95 6.09 8.00
C ASP A 92 8.08 4.83 8.03
N ILE A 93 8.41 3.80 7.26
CA ILE A 93 7.62 2.57 7.27
C ILE A 93 7.45 2.03 8.71
N HIS A 94 8.47 2.12 9.52
CA HIS A 94 8.41 1.57 10.86
C HIS A 94 7.23 2.19 11.62
N GLN A 95 7.05 3.51 11.52
CA GLN A 95 5.95 4.15 12.17
C GLN A 95 4.58 3.89 11.52
N TYR A 96 4.49 3.78 10.21
CA TYR A 96 3.21 3.37 9.58
C TYR A 96 2.75 2.00 10.10
N ARG A 97 3.67 1.03 10.30
CA ARG A 97 3.26 -0.28 10.83
C ARG A 97 2.91 -0.34 12.37
N GLU A 98 3.67 0.38 13.15
CA GLU A 98 3.41 0.36 14.54
C GLU A 98 2.06 0.96 14.88
N GLN A 99 1.65 1.97 14.13
CA GLN A 99 0.33 2.58 14.36
C GLN A 99 -0.78 1.60 14.05
N ILE A 100 -0.68 0.88 12.92
CA ILE A 100 -1.70 -0.09 12.55
C ILE A 100 -1.82 -1.14 13.65
N LYS A 101 -0.68 -1.63 14.15
CA LYS A 101 -0.70 -2.64 15.20
C LYS A 101 -1.31 -2.11 16.50
N ARG A 102 -1.10 -0.85 16.82
CA ARG A 102 -1.75 -0.30 18.03
C ARG A 102 -3.29 -0.32 17.92
N VAL A 103 -3.81 0.12 16.80
CA VAL A 103 -5.27 0.09 16.57
C VAL A 103 -5.77 -1.38 16.54
N LYS A 104 -5.06 -2.27 15.87
CA LYS A 104 -5.48 -3.67 15.80
C LYS A 104 -5.15 -4.49 17.06
N ASP A 105 -4.39 -3.88 17.98
CA ASP A 105 -4.10 -4.49 19.27
C ASP A 105 -3.71 -5.92 18.95
N SER A 106 -3.06 -6.06 17.80
CA SER A 106 -2.77 -7.38 17.27
C SER A 106 -1.44 -7.44 16.54
N ASP A 107 -0.90 -8.65 16.54
CA ASP A 107 0.39 -8.97 16.00
C ASP A 107 0.24 -9.55 14.58
N ASP A 108 -1.01 -9.73 14.18
CA ASP A 108 -1.36 -10.54 13.01
C ASP A 108 -2.29 -9.73 12.08
N VAL A 109 -1.76 -8.68 11.49
CA VAL A 109 -2.51 -7.81 10.57
C VAL A 109 -2.03 -8.05 9.14
N PRO A 110 -2.96 -8.29 8.21
CA PRO A 110 -2.50 -8.37 6.84
C PRO A 110 -1.87 -7.08 6.33
N MET A 111 -0.63 -7.20 5.83
CA MET A 111 0.09 -6.07 5.24
C MET A 111 1.05 -6.58 4.11
N VAL A 112 1.25 -5.77 3.04
CA VAL A 112 2.32 -5.95 2.05
C VAL A 112 3.21 -4.67 2.00
N LEU A 113 4.57 -4.84 2.14
CA LEU A 113 5.56 -3.76 1.97
C LEU A 113 5.80 -3.56 0.46
N VAL A 114 5.70 -2.32 -0.01
CA VAL A 114 5.86 -1.97 -1.45
C VAL A 114 6.89 -0.87 -1.69
N GLY A 115 7.94 -1.22 -2.45
CA GLY A 115 8.93 -0.26 -2.85
C GLY A 115 8.58 0.19 -4.27
N ASN A 116 8.03 1.40 -4.35
CA ASN A 116 7.52 1.97 -5.59
C ASN A 116 8.60 2.81 -6.29
N LYS A 117 8.34 3.11 -7.58
CA LYS A 117 9.21 3.96 -8.44
C LYS A 117 10.37 3.13 -8.98
N SER A 118 10.10 1.86 -9.23
CA SER A 118 11.08 0.95 -9.67
C SER A 118 11.70 1.34 -11.00
N ASP A 119 11.01 2.18 -11.77
CA ASP A 119 11.52 2.62 -13.10
C ASP A 119 12.51 3.79 -13.09
N LEU A 120 12.76 4.35 -11.92
CA LEU A 120 13.73 5.45 -11.79
C LEU A 120 15.09 4.84 -11.39
N ALA A 121 16.17 5.31 -12.03
CA ALA A 121 17.53 4.88 -11.68
C ALA A 121 18.02 5.59 -10.39
N ALA A 122 19.28 5.41 -10.02
CA ALA A 122 19.81 5.99 -8.78
C ALA A 122 18.93 5.67 -7.55
N ARG A 123 18.45 4.43 -7.44
CA ARG A 123 17.66 4.08 -6.24
C ARG A 123 18.54 4.23 -5.01
N THR A 124 17.97 4.66 -3.89
CA THR A 124 18.74 4.88 -2.66
C THR A 124 18.44 3.87 -1.57
N VAL A 125 17.27 3.23 -1.67
CA VAL A 125 16.89 2.21 -0.73
C VAL A 125 17.37 0.92 -1.35
N GLU A 126 18.32 0.25 -0.71
CA GLU A 126 18.82 -1.03 -1.20
C GLU A 126 17.68 -2.05 -1.17
N SER A 127 17.44 -2.68 -2.32
CA SER A 127 16.44 -3.71 -2.49
C SER A 127 16.55 -4.77 -1.39
N ARG A 128 17.76 -5.28 -1.18
CA ARG A 128 17.84 -6.40 -0.25
C ARG A 128 17.41 -5.95 1.11
N GLN A 129 17.56 -4.65 1.33
CA GLN A 129 17.25 -4.05 2.63
C GLN A 129 15.74 -4.08 2.88
N ALA A 130 14.93 -3.82 1.86
CA ALA A 130 13.46 -3.91 1.99
C ALA A 130 12.97 -5.37 2.19
N GLN A 131 13.59 -6.30 1.47
CA GLN A 131 13.37 -7.70 1.79
C GLN A 131 13.69 -8.07 3.24
N ASP A 132 14.82 -7.60 3.78
CA ASP A 132 15.14 -7.88 5.20
C ASP A 132 14.13 -7.35 6.14
N LEU A 133 13.69 -6.13 5.88
CA LEU A 133 12.69 -5.55 6.72
C LEU A 133 11.42 -6.37 6.67
N ALA A 134 10.96 -6.64 5.45
CA ALA A 134 9.75 -7.41 5.31
C ALA A 134 9.89 -8.78 5.97
N ARG A 135 11.05 -9.43 5.79
CA ARG A 135 11.26 -10.72 6.43
C ARG A 135 10.94 -10.57 7.93
N SER A 136 11.53 -9.52 8.52
CA SER A 136 11.43 -9.31 9.97
C SER A 136 10.02 -8.93 10.43
N TYR A 137 9.19 -8.43 9.52
CA TYR A 137 7.80 -8.08 9.78
C TYR A 137 6.86 -9.27 9.53
N GLY A 138 7.34 -10.34 8.90
CA GLY A 138 6.46 -11.43 8.54
C GLY A 138 5.51 -11.14 7.38
N ILE A 139 5.92 -10.31 6.39
CA ILE A 139 5.04 -9.84 5.28
C ILE A 139 5.68 -9.91 3.88
N PRO A 140 4.89 -9.99 2.82
CA PRO A 140 5.45 -9.90 1.47
C PRO A 140 6.09 -8.54 1.13
N TYR A 141 7.22 -8.58 0.37
CA TYR A 141 7.79 -7.39 -0.29
C TYR A 141 7.64 -7.47 -1.80
N ILE A 142 7.20 -6.38 -2.42
CA ILE A 142 7.09 -6.26 -3.87
C ILE A 142 7.57 -4.89 -4.31
N GLU A 143 8.22 -4.79 -5.47
CA GLU A 143 8.59 -3.54 -6.07
C GLU A 143 7.70 -3.25 -7.30
N THR A 144 7.27 -1.98 -7.40
CA THR A 144 6.26 -1.59 -8.35
C THR A 144 6.70 -0.34 -9.12
N SER A 145 6.24 -0.24 -10.37
CA SER A 145 6.21 1.06 -11.03
C SER A 145 4.77 1.39 -11.38
N ALA A 146 4.18 2.33 -10.67
CA ALA A 146 2.84 2.84 -10.98
C ALA A 146 2.81 3.47 -12.36
N LYS A 147 3.95 3.99 -12.82
CA LYS A 147 4.07 4.56 -14.16
C LYS A 147 3.92 3.54 -15.27
N THR A 148 4.66 2.43 -15.18
CA THR A 148 4.69 1.44 -16.26
C THR A 148 3.69 0.33 -15.98
N ARG A 149 3.23 0.31 -14.74
CA ARG A 149 2.26 -0.67 -14.21
C ARG A 149 2.94 -1.96 -13.73
N GLN A 150 4.25 -2.05 -13.90
CA GLN A 150 4.97 -3.23 -13.42
C GLN A 150 4.64 -3.43 -11.92
N GLY A 151 4.17 -4.65 -11.62
CA GLY A 151 3.95 -5.09 -10.25
C GLY A 151 2.68 -4.56 -9.61
N VAL A 152 1.93 -3.68 -10.26
CA VAL A 152 0.82 -3.02 -9.59
C VAL A 152 -0.18 -4.11 -9.19
N GLU A 153 -0.72 -4.82 -10.19
CA GLU A 153 -1.69 -5.88 -9.89
C GLU A 153 -1.20 -6.79 -8.79
N ASP A 154 0.05 -7.20 -8.87
CA ASP A 154 0.61 -8.20 -7.96
C ASP A 154 0.71 -7.66 -6.52
N ALA A 155 0.88 -6.34 -6.38
CA ALA A 155 0.89 -5.76 -5.03
C ALA A 155 -0.50 -5.88 -4.38
N PHE A 156 -1.51 -5.42 -5.10
CA PHE A 156 -2.85 -5.46 -4.54
C PHE A 156 -3.34 -6.92 -4.41
N TYR A 157 -2.89 -7.83 -5.30
CA TYR A 157 -3.40 -9.21 -5.23
C TYR A 157 -2.65 -10.04 -4.16
N THR A 158 -1.38 -9.78 -3.92
CA THR A 158 -0.69 -10.39 -2.77
C THR A 158 -1.36 -9.94 -1.45
N LEU A 159 -1.79 -8.68 -1.39
CA LEU A 159 -2.60 -8.14 -0.26
C LEU A 159 -3.94 -8.88 -0.09
N VAL A 160 -4.68 -9.09 -1.18
CA VAL A 160 -5.90 -9.87 -1.09
C VAL A 160 -5.61 -11.28 -0.55
N ARG A 161 -4.59 -11.93 -1.09
CA ARG A 161 -4.22 -13.26 -0.61
C ARG A 161 -3.87 -13.26 0.88
N GLU A 162 -3.18 -12.21 1.34
CA GLU A 162 -2.87 -12.06 2.78
C GLU A 162 -4.13 -11.98 3.63
N ILE A 163 -5.11 -11.20 3.21
CA ILE A 163 -6.34 -11.13 4.01
C ILE A 163 -6.96 -12.51 4.14
N ARG A 164 -6.99 -13.24 3.02
CA ARG A 164 -7.56 -14.59 3.01
C ARG A 164 -6.89 -15.49 4.05
N GLN A 165 -5.60 -15.27 4.26
CA GLN A 165 -4.84 -16.13 5.15
C GLN A 165 -4.80 -15.66 6.56
N HIS A 166 -5.64 -14.65 6.87
CA HIS A 166 -5.82 -14.06 8.23
C HIS A 166 -6.71 -14.92 9.12
#